data_1FJ5
#
_entry.id   1FJ5
#
_cell.length_a   1.000
_cell.length_b   1.000
_cell.length_c   1.000
_cell.angle_alpha   90.00
_cell.angle_beta   90.00
_cell.angle_gamma   90.00
#
_symmetry.space_group_name_H-M   'P 1'
#
loop_
_entity.id
_entity.type
_entity.pdbx_description
1 polymer "DNA (5'-D(*CP*CP*AP*TP*CP*GP*CP*TP*AP*CP*C)-3')"
2 polymer "DNA (5'-D(*GP*GP*TP*AP*GP*CP*GP*AP*TP*GP*G)-3')"
3 non-polymer (Z)-2-[4-(1,2)-DIPHENYL-1-BUTENYL)-PHENOXY]-N,N-DIMETHYLETHANAMINIUM
#
loop_
_entity_poly.entity_id
_entity_poly.type
_entity_poly.pdbx_seq_one_letter_code
_entity_poly.pdbx_strand_id
1 'polydeoxyribonucleotide' (DC)(DC)(DA)(DT)(DC)(DG)(DC)(DT)(DA)(DC)(DC) A
2 'polydeoxyribonucleotide' (DG)(DG)(DT)(DA)(DG)(DC)(DG)(DA)(DT)(DG)(DG) B
#